data_4ZJ8
#
_entry.id   4ZJ8
#
_cell.length_a   63.242
_cell.length_b   64.992
_cell.length_c   181.478
_cell.angle_alpha   90.00
_cell.angle_beta   90.00
_cell.angle_gamma   90.00
#
_symmetry.space_group_name_H-M   'P 21 21 21'
#
loop_
_entity.id
_entity.type
_entity.pdbx_description
1 polymer 'human OX1R fusion protein to P.abysii glycogen synthase'
2 non-polymer [(7R)-4-(5-chloro-1,3-benzoxazol-2-yl)-7-methyl-1,4-diazepan-1-yl][5-methyl-2-(2H-1,2,3-triazol-2-yl)phenyl]methanone
3 non-polymer 'OLEIC ACID'
4 water water
#
_entity_poly.entity_id   1
_entity_poly.type   'polypeptide(L)'
_entity_poly.pdbx_seq_one_letter_code
;DYKDDDDAMEPSATPGAQMGVPPGSREPSPVPPDYEDEFLRYLWRDYLYPKQYEWVLIAAYVAVFVVALVGNTLVCLAVW
RNHHMRTVTNYFIVNLSLADVLVTAICLPASLLVDITESWLFGHALCKVIPYLQAVSVSVAVLTLSFIALDRWYAICHPL
LFKSTARRARGSILGIWAVSLAIMVPQAAVMECSSVLPELANRTRLFSVCDERWADDLYPKIYHSCFFIVTYLAPLGLMA
MAYFQIFRKLWGRQGIDCSFWNESYLTGSRDERKKSLLSKFGMDEGVTFMFIGRFDRGQKGVDVLLKAIEILSSKKEFQE
MRFIIIGKGDPELEGWARSLEEKHGNVKVITEMLSREFVRELYGSVDFVIIPSYFEPFGLVALEAMCLGAIPIASAVGGL
RDIITNETGILVKAGDPGELANAILKALELSRSDLSKFRENCKKRAMSFSKQMRARRKTAKMLMVVLLVFALCYLPISVL
NILKRVFGMFRQASDREAVYACFTFSHWLVYANSAANPIIYNFLSGKFREQFKAAFSCCLPGLHHHHHHHHHH
;
_entity_poly.pdbx_strand_id   A
#
# COMPACT_ATOMS: atom_id res chain seq x y z
N ASP A 34 -2.91 58.34 -18.02
CA ASP A 34 -2.17 58.12 -19.25
C ASP A 34 -0.84 57.41 -19.00
N TYR A 35 0.13 58.15 -18.48
CA TYR A 35 1.45 57.60 -18.22
C TYR A 35 1.65 57.32 -16.73
N GLU A 36 0.65 56.71 -16.10
CA GLU A 36 0.70 56.47 -14.66
C GLU A 36 1.61 55.30 -14.30
N ASP A 37 1.34 54.14 -14.88
CA ASP A 37 2.14 52.94 -14.62
C ASP A 37 3.60 53.20 -14.96
N GLU A 38 3.80 53.87 -16.10
CA GLU A 38 5.10 54.31 -16.58
C GLU A 38 5.87 55.12 -15.54
N PHE A 39 5.28 56.23 -15.12
CA PHE A 39 5.93 57.17 -14.21
C PHE A 39 6.13 56.59 -12.81
N LEU A 40 5.13 55.86 -12.32
CA LEU A 40 5.22 55.22 -11.01
C LEU A 40 6.35 54.19 -11.00
N ARG A 41 6.43 53.38 -12.06
CA ARG A 41 7.53 52.45 -12.22
C ARG A 41 8.85 53.21 -12.24
N TYR A 42 8.88 54.39 -12.87
CA TYR A 42 10.09 55.19 -12.93
C TYR A 42 10.52 55.69 -11.55
N LEU A 43 9.56 56.02 -10.70
CA LEU A 43 9.87 56.56 -9.38
C LEU A 43 10.25 55.47 -8.38
N TRP A 44 9.60 54.31 -8.49
CA TRP A 44 9.77 53.26 -7.49
C TRP A 44 10.65 52.10 -7.95
N ARG A 45 11.35 52.29 -9.07
CA ARG A 45 12.15 51.21 -9.66
C ARG A 45 13.31 50.75 -8.79
N ASP A 46 13.74 51.59 -7.85
CA ASP A 46 14.86 51.25 -7.00
C ASP A 46 14.42 51.02 -5.55
N TYR A 47 13.11 50.93 -5.35
CA TYR A 47 12.56 50.68 -4.02
C TYR A 47 12.65 49.20 -3.68
N LEU A 48 13.76 48.78 -3.10
CA LEU A 48 13.86 47.43 -2.59
C LEU A 48 13.26 47.39 -1.19
N TYR A 49 12.36 46.44 -0.98
CA TYR A 49 11.75 46.28 0.34
C TYR A 49 12.41 45.13 1.09
N PRO A 50 13.18 45.47 2.14
CA PRO A 50 13.92 44.47 2.92
C PRO A 50 12.98 43.50 3.65
N LYS A 51 12.93 42.25 3.20
CA LYS A 51 12.10 41.24 3.83
C LYS A 51 12.67 40.85 5.19
N GLN A 52 11.82 40.82 6.20
CA GLN A 52 12.24 40.53 7.57
C GLN A 52 12.75 39.10 7.71
N TYR A 53 12.03 38.15 7.11
CA TYR A 53 12.37 36.75 7.23
C TYR A 53 13.01 36.21 5.95
N GLU A 54 14.32 36.37 5.83
CA GLU A 54 15.05 35.87 4.67
C GLU A 54 16.00 34.74 5.04
N TRP A 55 16.71 34.91 6.15
CA TRP A 55 17.70 33.92 6.58
C TRP A 55 17.03 32.58 6.91
N VAL A 56 15.78 32.63 7.35
CA VAL A 56 15.03 31.41 7.62
C VAL A 56 14.66 30.73 6.31
N LEU A 57 14.41 31.51 5.27
CA LEU A 57 14.08 30.97 3.97
C LEU A 57 15.30 30.32 3.34
N ILE A 58 16.45 30.98 3.49
CA ILE A 58 17.71 30.43 3.00
C ILE A 58 18.05 29.14 3.73
N ALA A 59 17.92 29.17 5.05
CA ALA A 59 18.19 27.98 5.87
C ALA A 59 17.28 26.83 5.48
N ALA A 60 16.00 27.14 5.28
CA ALA A 60 15.02 26.14 4.88
C ALA A 60 15.39 25.54 3.52
N TYR A 61 15.81 26.40 2.60
CA TYR A 61 16.15 25.97 1.25
C TYR A 61 17.41 25.11 1.21
N VAL A 62 18.44 25.48 1.98
CA VAL A 62 19.67 24.70 1.98
C VAL A 62 19.46 23.38 2.74
N ALA A 63 18.62 23.43 3.77
CA ALA A 63 18.26 22.24 4.51
C ALA A 63 17.61 21.24 3.56
N VAL A 64 16.51 21.67 2.94
CA VAL A 64 15.82 20.87 1.95
C VAL A 64 16.77 20.39 0.86
N PHE A 65 17.67 21.27 0.43
CA PHE A 65 18.65 20.96 -0.61
C PHE A 65 19.52 19.77 -0.25
N VAL A 66 20.25 19.88 0.86
CA VAL A 66 21.17 18.82 1.26
C VAL A 66 20.42 17.54 1.61
N VAL A 67 19.30 17.67 2.33
CA VAL A 67 18.54 16.50 2.76
C VAL A 67 18.01 15.74 1.55
N ALA A 68 17.48 16.46 0.57
CA ALA A 68 16.97 15.84 -0.64
C ALA A 68 18.11 15.17 -1.41
N LEU A 69 19.25 15.85 -1.50
CA LEU A 69 20.39 15.31 -2.22
C LEU A 69 20.90 13.99 -1.62
N VAL A 70 21.36 14.05 -0.37
CA VAL A 70 21.93 12.87 0.26
C VAL A 70 20.88 11.78 0.44
N GLY A 71 19.64 12.18 0.74
CA GLY A 71 18.57 11.23 0.93
C GLY A 71 18.27 10.45 -0.33
N ASN A 72 18.02 11.16 -1.42
CA ASN A 72 17.68 10.50 -2.67
C ASN A 72 18.84 9.72 -3.27
N THR A 73 20.06 10.23 -3.10
CA THR A 73 21.22 9.46 -3.55
C THR A 73 21.35 8.19 -2.73
N LEU A 74 21.05 8.26 -1.43
CA LEU A 74 21.07 7.07 -0.57
C LEU A 74 20.03 6.07 -1.03
N VAL A 75 18.86 6.55 -1.43
CA VAL A 75 17.84 5.69 -2.00
C VAL A 75 18.37 4.95 -3.23
N CYS A 76 18.87 5.72 -4.20
CA CYS A 76 19.38 5.15 -5.44
C CYS A 76 20.48 4.12 -5.20
N LEU A 77 21.46 4.48 -4.38
CA LEU A 77 22.54 3.58 -4.03
C LEU A 77 22.00 2.28 -3.42
N ALA A 78 21.16 2.44 -2.40
CA ALA A 78 20.58 1.31 -1.68
C ALA A 78 19.89 0.33 -2.62
N VAL A 79 19.10 0.84 -3.55
CA VAL A 79 18.38 -0.05 -4.47
C VAL A 79 19.32 -0.68 -5.50
N TRP A 80 20.10 0.15 -6.18
CA TRP A 80 20.94 -0.30 -7.29
C TRP A 80 21.95 -1.35 -6.85
N ARG A 81 22.57 -1.14 -5.68
CA ARG A 81 23.68 -1.99 -5.26
C ARG A 81 23.22 -3.41 -4.85
N ASN A 82 22.23 -3.50 -3.97
CA ASN A 82 21.79 -4.78 -3.45
C ASN A 82 20.80 -5.49 -4.37
N HIS A 83 20.79 -6.82 -4.31
CA HIS A 83 19.94 -7.62 -5.19
C HIS A 83 18.53 -7.77 -4.63
N HIS A 84 18.39 -7.89 -3.31
CA HIS A 84 17.09 -8.11 -2.69
C HIS A 84 16.25 -6.84 -2.82
N MET A 85 16.92 -5.73 -3.11
CA MET A 85 16.27 -4.43 -3.25
C MET A 85 15.73 -4.20 -4.67
N ARG A 86 16.29 -4.89 -5.65
CA ARG A 86 15.90 -4.69 -7.05
C ARG A 86 14.48 -5.15 -7.32
N THR A 87 13.52 -4.46 -6.73
CA THR A 87 12.11 -4.74 -6.91
C THR A 87 11.51 -3.68 -7.83
N VAL A 88 10.47 -4.05 -8.56
CA VAL A 88 9.76 -3.12 -9.45
C VAL A 88 9.34 -1.86 -8.69
N THR A 89 8.78 -2.06 -7.51
CA THR A 89 8.40 -0.95 -6.65
C THR A 89 9.60 -0.05 -6.37
N ASN A 90 10.74 -0.67 -6.07
CA ASN A 90 11.95 0.08 -5.76
C ASN A 90 12.62 0.68 -7.00
N TYR A 91 12.41 0.06 -8.15
CA TYR A 91 12.88 0.65 -9.41
C TYR A 91 12.14 1.96 -9.66
N PHE A 92 10.82 1.90 -9.48
CA PHE A 92 9.99 3.09 -9.59
C PHE A 92 10.41 4.14 -8.56
N ILE A 93 10.59 3.72 -7.31
CA ILE A 93 11.04 4.61 -6.25
C ILE A 93 12.35 5.29 -6.62
N VAL A 94 13.23 4.54 -7.28
CA VAL A 94 14.47 5.10 -7.80
C VAL A 94 14.17 6.19 -8.83
N ASN A 95 13.27 5.89 -9.76
CA ASN A 95 12.87 6.88 -10.76
C ASN A 95 12.39 8.19 -10.12
N LEU A 96 11.54 8.04 -9.11
CA LEU A 96 11.03 9.16 -8.34
C LEU A 96 12.16 9.95 -7.69
N SER A 97 13.11 9.23 -7.10
CA SER A 97 14.24 9.85 -6.44
C SER A 97 15.11 10.62 -7.43
N LEU A 98 15.28 10.08 -8.64
CA LEU A 98 16.07 10.74 -9.66
C LEU A 98 15.36 12.02 -10.13
N ALA A 99 14.04 11.94 -10.25
CA ALA A 99 13.25 13.13 -10.57
C ALA A 99 13.51 14.22 -9.53
N ASP A 100 13.37 13.84 -8.26
CA ASP A 100 13.60 14.76 -7.16
C ASP A 100 15.03 15.30 -7.14
N VAL A 101 15.99 14.47 -7.55
CA VAL A 101 17.39 14.89 -7.63
C VAL A 101 17.55 15.97 -8.70
N LEU A 102 16.92 15.74 -9.85
CA LEU A 102 16.90 16.71 -10.93
C LEU A 102 16.40 18.05 -10.43
N VAL A 103 15.18 18.04 -9.90
CA VAL A 103 14.54 19.24 -9.36
C VAL A 103 15.42 19.96 -8.33
N THR A 104 15.94 19.19 -7.38
CA THR A 104 16.74 19.72 -6.28
C THR A 104 18.02 20.37 -6.78
N ALA A 105 18.66 19.74 -7.76
CA ALA A 105 19.90 20.26 -8.31
C ALA A 105 19.66 21.54 -9.09
N ILE A 106 18.77 21.48 -10.07
CA ILE A 106 18.66 22.58 -11.03
C ILE A 106 17.66 23.66 -10.64
N CYS A 107 16.47 23.26 -10.24
CA CYS A 107 15.37 24.19 -10.07
C CYS A 107 15.31 24.84 -8.68
N LEU A 108 15.68 24.08 -7.65
CA LEU A 108 15.65 24.58 -6.27
C LEU A 108 16.50 25.84 -6.08
N PRO A 109 17.77 25.83 -6.52
CA PRO A 109 18.56 27.06 -6.30
C PRO A 109 18.00 28.25 -7.06
N ALA A 110 17.55 28.02 -8.29
CA ALA A 110 16.97 29.07 -9.11
C ALA A 110 15.69 29.62 -8.46
N SER A 111 14.88 28.71 -7.93
CA SER A 111 13.66 29.10 -7.23
C SER A 111 13.99 29.92 -5.99
N LEU A 112 15.07 29.56 -5.31
CA LEU A 112 15.54 30.29 -4.14
C LEU A 112 15.92 31.72 -4.52
N LEU A 113 16.76 31.84 -5.54
CA LEU A 113 17.22 33.14 -6.01
C LEU A 113 16.07 34.03 -6.45
N VAL A 114 15.15 33.46 -7.24
CA VAL A 114 13.99 34.22 -7.69
C VAL A 114 13.12 34.67 -6.53
N ASP A 115 12.81 33.73 -5.63
CA ASP A 115 11.92 34.04 -4.52
C ASP A 115 12.52 35.03 -3.52
N ILE A 116 13.85 35.05 -3.41
CA ILE A 116 14.50 35.99 -2.50
C ILE A 116 14.68 37.37 -3.14
N THR A 117 15.20 37.39 -4.36
CA THR A 117 15.62 38.63 -4.99
C THR A 117 14.57 39.21 -5.95
N GLU A 118 13.47 38.48 -6.13
CA GLU A 118 12.40 38.87 -7.04
C GLU A 118 12.91 39.13 -8.47
N SER A 119 13.99 38.46 -8.83
CA SER A 119 14.60 38.67 -10.14
C SER A 119 15.10 37.38 -10.77
N TRP A 120 15.27 37.39 -12.08
CA TRP A 120 15.83 36.27 -12.80
C TRP A 120 17.30 36.53 -13.11
N LEU A 121 18.18 35.73 -12.52
CA LEU A 121 19.62 35.96 -12.64
C LEU A 121 20.28 35.02 -13.64
N PHE A 122 19.46 34.33 -14.44
CA PHE A 122 19.98 33.36 -15.38
C PHE A 122 19.67 33.79 -16.82
N GLY A 123 20.17 33.02 -17.79
CA GLY A 123 20.02 33.38 -19.18
C GLY A 123 18.60 33.32 -19.67
N HIS A 124 18.38 33.73 -20.92
CA HIS A 124 17.08 33.60 -21.54
C HIS A 124 16.78 32.13 -21.81
N ALA A 125 17.84 31.36 -22.05
CA ALA A 125 17.71 29.93 -22.33
C ALA A 125 17.24 29.17 -21.09
N LEU A 126 17.90 29.42 -19.96
CA LEU A 126 17.55 28.77 -18.71
C LEU A 126 16.17 29.20 -18.23
N CYS A 127 15.72 30.37 -18.71
CA CYS A 127 14.39 30.86 -18.42
C CYS A 127 13.34 29.93 -18.99
N LYS A 128 13.68 29.25 -20.08
CA LYS A 128 12.79 28.28 -20.69
C LYS A 128 13.07 26.90 -20.09
N VAL A 129 14.36 26.57 -19.97
CA VAL A 129 14.79 25.26 -19.53
C VAL A 129 14.32 24.91 -18.12
N ILE A 130 14.66 25.74 -17.15
CA ILE A 130 14.43 25.42 -15.74
C ILE A 130 12.94 25.22 -15.37
N PRO A 131 12.05 26.13 -15.81
CA PRO A 131 10.63 25.82 -15.55
C PRO A 131 10.16 24.59 -16.30
N TYR A 132 10.72 24.36 -17.49
CA TYR A 132 10.42 23.17 -18.28
C TYR A 132 10.82 21.91 -17.52
N LEU A 133 12.05 21.89 -17.03
CA LEU A 133 12.54 20.74 -16.27
C LEU A 133 11.73 20.54 -15.00
N GLN A 134 11.29 21.64 -14.40
CA GLN A 134 10.41 21.56 -13.23
C GLN A 134 9.11 20.84 -13.58
N ALA A 135 8.45 21.30 -14.64
CA ALA A 135 7.19 20.69 -15.09
C ALA A 135 7.38 19.21 -15.41
N VAL A 136 8.38 18.92 -16.23
CA VAL A 136 8.73 17.56 -16.62
C VAL A 136 8.93 16.65 -15.43
N SER A 137 9.69 17.13 -14.45
CA SER A 137 9.99 16.33 -13.28
C SER A 137 8.76 16.09 -12.41
N VAL A 138 7.90 17.10 -12.29
CA VAL A 138 6.64 16.91 -11.59
C VAL A 138 5.86 15.79 -12.28
N SER A 139 5.79 15.87 -13.60
CA SER A 139 5.15 14.83 -14.41
C SER A 139 5.71 13.45 -14.09
N VAL A 140 7.03 13.30 -14.24
CA VAL A 140 7.72 12.04 -13.95
C VAL A 140 7.37 11.50 -12.57
N ALA A 141 7.43 12.37 -11.57
CA ALA A 141 7.11 11.99 -10.20
C ALA A 141 5.70 11.42 -10.08
N VAL A 142 4.72 12.19 -10.54
CA VAL A 142 3.33 11.77 -10.42
C VAL A 142 3.05 10.47 -11.18
N LEU A 143 3.54 10.38 -12.41
CA LEU A 143 3.37 9.17 -13.21
C LEU A 143 4.02 7.97 -12.54
N THR A 144 5.16 8.19 -11.91
CA THR A 144 5.86 7.14 -11.19
C THR A 144 5.01 6.62 -10.04
N LEU A 145 4.48 7.55 -9.25
CA LEU A 145 3.59 7.16 -8.15
C LEU A 145 2.36 6.43 -8.67
N SER A 146 1.91 6.82 -9.86
CA SER A 146 0.75 6.21 -10.50
C SER A 146 1.04 4.77 -10.89
N PHE A 147 2.23 4.53 -11.43
CA PHE A 147 2.61 3.18 -11.83
C PHE A 147 2.87 2.30 -10.61
N ILE A 148 3.37 2.90 -9.55
CA ILE A 148 3.50 2.20 -8.27
C ILE A 148 2.12 1.74 -7.80
N ALA A 149 1.20 2.69 -7.76
CA ALA A 149 -0.17 2.42 -7.33
C ALA A 149 -0.83 1.34 -8.20
N LEU A 150 -0.60 1.42 -9.50
CA LEU A 150 -1.18 0.46 -10.44
C LEU A 150 -0.62 -0.93 -10.19
N ASP A 151 0.70 -1.01 -10.08
CA ASP A 151 1.39 -2.27 -9.84
C ASP A 151 0.89 -2.94 -8.56
N ARG A 152 0.82 -2.16 -7.48
CA ARG A 152 0.33 -2.68 -6.21
C ARG A 152 -1.14 -3.08 -6.31
N TRP A 153 -1.89 -2.31 -7.09
CA TRP A 153 -3.32 -2.56 -7.26
C TRP A 153 -3.55 -3.89 -7.96
N TYR A 154 -2.70 -4.22 -8.93
CA TYR A 154 -2.81 -5.51 -9.58
C TYR A 154 -2.34 -6.62 -8.64
N ALA A 155 -1.19 -6.41 -8.00
CA ALA A 155 -0.63 -7.41 -7.10
C ALA A 155 -1.58 -7.80 -5.98
N ILE A 156 -2.32 -6.83 -5.47
CA ILE A 156 -3.21 -7.05 -4.33
C ILE A 156 -4.64 -7.39 -4.76
N CYS A 157 -5.19 -6.59 -5.67
CA CYS A 157 -6.61 -6.70 -6.02
C CYS A 157 -6.88 -7.63 -7.20
N HIS A 158 -5.88 -7.87 -8.03
CA HIS A 158 -6.04 -8.82 -9.14
C HIS A 158 -4.81 -9.69 -9.30
N PRO A 159 -4.53 -10.54 -8.29
CA PRO A 159 -3.29 -11.35 -8.23
C PRO A 159 -3.07 -12.19 -9.48
N LEU A 160 -4.15 -12.72 -10.05
CA LEU A 160 -4.05 -13.60 -11.21
C LEU A 160 -3.49 -12.88 -12.44
N LEU A 161 -3.82 -11.61 -12.59
CA LEU A 161 -3.38 -10.85 -13.75
C LEU A 161 -2.06 -10.13 -13.49
N PHE A 162 -1.51 -10.33 -12.30
CA PHE A 162 -0.32 -9.61 -11.88
C PHE A 162 0.92 -10.02 -12.68
N LYS A 163 1.29 -9.17 -13.62
CA LYS A 163 2.55 -9.31 -14.35
C LYS A 163 3.44 -8.12 -14.02
N SER A 164 4.65 -8.37 -13.56
CA SER A 164 5.54 -7.28 -13.16
C SER A 164 7.00 -7.70 -13.14
N THR A 165 7.61 -7.78 -14.31
CA THR A 165 9.03 -8.09 -14.41
C THR A 165 9.84 -6.81 -14.53
N ALA A 166 11.15 -6.92 -14.30
CA ALA A 166 12.04 -5.76 -14.34
C ALA A 166 12.08 -5.17 -15.75
N ARG A 167 11.90 -6.02 -16.76
CA ARG A 167 11.90 -5.57 -18.15
C ARG A 167 10.74 -4.61 -18.40
N ARG A 168 9.60 -4.87 -17.76
CA ARG A 168 8.44 -4.00 -17.89
C ARG A 168 8.72 -2.64 -17.27
N ALA A 169 9.26 -2.63 -16.05
CA ALA A 169 9.58 -1.40 -15.34
C ALA A 169 10.60 -0.58 -16.12
N ARG A 170 11.81 -1.10 -16.24
CA ARG A 170 12.83 -0.45 -17.06
C ARG A 170 12.44 -0.53 -18.53
N GLY A 171 11.50 0.33 -18.90
CA GLY A 171 10.90 0.32 -20.23
C GLY A 171 9.60 1.08 -20.14
N SER A 172 9.00 1.02 -18.96
CA SER A 172 7.82 1.82 -18.64
C SER A 172 8.27 3.17 -18.11
N ILE A 173 9.34 3.15 -17.34
CA ILE A 173 9.99 4.37 -16.85
C ILE A 173 10.42 5.24 -18.02
N LEU A 174 10.97 4.60 -19.05
CA LEU A 174 11.37 5.28 -20.27
C LEU A 174 10.17 5.95 -20.93
N GLY A 175 9.02 5.29 -20.86
CA GLY A 175 7.79 5.84 -21.41
C GLY A 175 7.33 7.05 -20.62
N ILE A 176 7.49 6.97 -19.31
CA ILE A 176 7.15 8.07 -18.42
C ILE A 176 8.00 9.29 -18.75
N TRP A 177 9.31 9.08 -18.90
CA TRP A 177 10.20 10.18 -19.25
C TRP A 177 9.94 10.72 -20.65
N ALA A 178 9.55 9.84 -21.56
CA ALA A 178 9.25 10.24 -22.93
C ALA A 178 8.04 11.16 -22.98
N VAL A 179 6.92 10.67 -22.44
CA VAL A 179 5.69 11.46 -22.40
C VAL A 179 5.91 12.75 -21.62
N SER A 180 6.66 12.66 -20.52
CA SER A 180 6.92 13.83 -19.68
C SER A 180 7.77 14.87 -20.42
N LEU A 181 8.67 14.40 -21.28
CA LEU A 181 9.53 15.31 -22.03
C LEU A 181 8.83 15.80 -23.30
N ALA A 182 7.70 15.18 -23.62
CA ALA A 182 6.96 15.55 -24.82
C ALA A 182 5.85 16.57 -24.55
N ILE A 183 5.08 16.36 -23.48
CA ILE A 183 3.90 17.16 -23.22
C ILE A 183 4.20 18.47 -22.47
N MET A 184 5.46 18.68 -22.13
CA MET A 184 5.84 19.89 -21.40
C MET A 184 6.54 20.90 -22.28
N VAL A 185 6.67 20.60 -23.57
CA VAL A 185 7.28 21.54 -24.51
C VAL A 185 6.48 22.84 -24.72
N PRO A 186 5.14 22.84 -24.52
CA PRO A 186 4.54 24.17 -24.64
C PRO A 186 4.98 25.15 -23.56
N GLN A 187 5.25 24.65 -22.35
CA GLN A 187 5.69 25.52 -21.27
C GLN A 187 7.09 26.04 -21.54
N ALA A 188 7.96 25.18 -22.07
CA ALA A 188 9.28 25.60 -22.49
C ALA A 188 9.14 26.68 -23.57
N ALA A 189 8.17 26.50 -24.45
CA ALA A 189 7.94 27.43 -25.55
C ALA A 189 7.52 28.81 -25.06
N VAL A 190 6.52 28.88 -24.20
CA VAL A 190 5.94 30.16 -23.79
C VAL A 190 6.78 30.91 -22.77
N MET A 191 7.80 30.25 -22.21
CA MET A 191 8.66 30.90 -21.23
C MET A 191 9.48 32.01 -21.86
N GLU A 192 9.32 33.21 -21.34
CA GLU A 192 10.04 34.37 -21.84
C GLU A 192 10.64 35.21 -20.71
N CYS A 193 11.78 35.83 -21.00
CA CYS A 193 12.50 36.65 -20.04
C CYS A 193 12.36 38.13 -20.38
N SER A 194 11.45 38.81 -19.69
CA SER A 194 11.20 40.22 -19.97
C SER A 194 11.41 41.05 -18.71
N SER A 195 11.48 42.37 -18.88
CA SER A 195 11.78 43.25 -17.76
C SER A 195 10.82 44.42 -17.66
N VAL A 196 11.12 45.49 -18.40
CA VAL A 196 10.31 46.69 -18.36
C VAL A 196 8.99 46.46 -19.09
N LEU A 197 8.01 47.30 -18.79
CA LEU A 197 6.70 47.26 -19.43
C LEU A 197 6.82 47.30 -20.95
N PRO A 198 6.14 46.37 -21.65
CA PRO A 198 6.18 46.30 -23.11
C PRO A 198 5.71 47.59 -23.77
N GLU A 199 6.00 47.74 -25.06
CA GLU A 199 5.57 48.90 -25.85
C GLU A 199 6.07 50.21 -25.22
N LEU A 200 7.25 50.16 -24.63
CA LEU A 200 7.86 51.32 -24.00
C LEU A 200 9.22 51.61 -24.63
N ALA A 201 9.42 52.85 -25.08
CA ALA A 201 10.65 53.23 -25.76
C ALA A 201 11.86 53.12 -24.84
N ASN A 202 11.65 53.39 -23.55
CA ASN A 202 12.74 53.33 -22.58
C ASN A 202 12.95 51.91 -22.04
N ARG A 203 14.00 51.26 -22.53
CA ARG A 203 14.31 49.88 -22.15
C ARG A 203 15.23 49.83 -20.93
N THR A 204 15.26 50.91 -20.15
CA THR A 204 16.08 50.97 -18.96
C THR A 204 15.51 50.06 -17.88
N ARG A 205 16.38 49.30 -17.22
CA ARG A 205 15.94 48.35 -16.21
C ARG A 205 17.00 48.15 -15.14
N LEU A 206 16.58 47.62 -14.00
CA LEU A 206 17.51 47.21 -12.96
C LEU A 206 17.63 45.69 -12.96
N PHE A 207 16.49 45.01 -13.04
CA PHE A 207 16.48 43.56 -13.07
C PHE A 207 15.48 43.02 -14.08
N SER A 208 15.72 41.79 -14.52
CA SER A 208 14.82 41.11 -15.45
C SER A 208 14.04 40.03 -14.71
N VAL A 209 12.94 39.57 -15.31
CA VAL A 209 12.17 38.48 -14.72
C VAL A 209 11.75 37.46 -15.77
N CYS A 210 11.51 36.23 -15.32
CA CYS A 210 11.09 35.14 -16.20
C CYS A 210 9.64 34.79 -15.94
N ASP A 211 8.81 34.84 -16.98
CA ASP A 211 7.40 34.48 -16.84
C ASP A 211 6.84 33.96 -18.17
N GLU A 212 5.55 33.65 -18.17
CA GLU A 212 4.90 33.06 -19.34
C GLU A 212 4.32 34.12 -20.26
N ARG A 213 4.50 33.94 -21.57
CA ARG A 213 3.94 34.86 -22.55
C ARG A 213 3.06 34.14 -23.57
N TRP A 214 1.76 34.38 -23.47
CA TRP A 214 0.77 33.76 -24.33
C TRP A 214 0.15 34.76 -25.30
N ALA A 215 -0.58 34.25 -26.29
CA ALA A 215 -1.30 35.10 -27.24
C ALA A 215 -2.75 35.30 -26.81
N ASP A 216 -3.62 34.36 -27.19
CA ASP A 216 -5.02 34.41 -26.77
C ASP A 216 -5.16 33.98 -25.31
N ASP A 217 -6.02 34.65 -24.57
CA ASP A 217 -6.19 34.39 -23.14
C ASP A 217 -6.82 33.03 -22.85
N LEU A 218 -7.26 32.35 -23.90
CA LEU A 218 -7.75 30.98 -23.75
C LEU A 218 -6.58 30.04 -23.51
N TYR A 219 -5.47 30.28 -24.19
CA TYR A 219 -4.29 29.41 -24.10
C TYR A 219 -3.76 29.21 -22.66
N PRO A 220 -3.52 30.30 -21.89
CA PRO A 220 -2.98 30.04 -20.56
C PRO A 220 -3.97 29.35 -19.63
N LYS A 221 -5.24 29.73 -19.71
CA LYS A 221 -6.28 29.10 -18.90
C LYS A 221 -6.37 27.61 -19.20
N ILE A 222 -6.48 27.29 -20.49
CA ILE A 222 -6.56 25.91 -20.94
C ILE A 222 -5.33 25.11 -20.51
N TYR A 223 -4.15 25.63 -20.79
CA TYR A 223 -2.92 24.90 -20.49
C TYR A 223 -2.71 24.69 -19.00
N HIS A 224 -3.04 25.68 -18.18
CA HIS A 224 -2.80 25.56 -16.75
C HIS A 224 -3.86 24.71 -16.07
N SER A 225 -5.09 24.78 -16.56
CA SER A 225 -6.14 23.90 -16.07
C SER A 225 -5.79 22.45 -16.41
N CYS A 226 -5.31 22.24 -17.63
CA CYS A 226 -4.91 20.91 -18.06
C CYS A 226 -3.64 20.44 -17.35
N PHE A 227 -2.82 21.38 -16.91
CA PHE A 227 -1.61 21.05 -16.17
C PHE A 227 -1.99 20.57 -14.78
N PHE A 228 -2.91 21.30 -14.15
CA PHE A 228 -3.42 20.91 -12.85
C PHE A 228 -4.12 19.55 -12.93
N ILE A 229 -4.90 19.34 -13.98
CA ILE A 229 -5.60 18.08 -14.16
C ILE A 229 -4.62 16.93 -14.35
N VAL A 230 -3.75 17.05 -15.35
CA VAL A 230 -2.85 15.96 -15.71
C VAL A 230 -1.81 15.65 -14.64
N THR A 231 -1.18 16.67 -14.07
CA THR A 231 -0.09 16.43 -13.12
C THR A 231 -0.55 16.34 -11.66
N TYR A 232 -1.85 16.41 -11.42
CA TYR A 232 -2.34 16.39 -10.04
C TYR A 232 -3.69 15.71 -9.91
N LEU A 233 -4.71 16.27 -10.56
CA LEU A 233 -6.09 15.83 -10.35
C LEU A 233 -6.33 14.36 -10.73
N ALA A 234 -6.21 14.06 -12.01
CA ALA A 234 -6.50 12.71 -12.51
C ALA A 234 -5.66 11.62 -11.85
N PRO A 235 -4.32 11.79 -11.77
CA PRO A 235 -3.58 10.66 -11.20
C PRO A 235 -3.79 10.47 -9.70
N LEU A 236 -3.99 11.56 -8.97
CA LEU A 236 -4.19 11.45 -7.53
C LEU A 236 -5.59 10.91 -7.24
N GLY A 237 -6.53 11.20 -8.13
CA GLY A 237 -7.85 10.62 -8.04
C GLY A 237 -7.78 9.12 -8.27
N LEU A 238 -7.14 8.74 -9.38
CA LEU A 238 -6.96 7.34 -9.73
C LEU A 238 -6.25 6.56 -8.62
N MET A 239 -5.18 7.16 -8.09
CA MET A 239 -4.40 6.52 -7.04
C MET A 239 -5.19 6.46 -5.74
N ALA A 240 -6.05 7.44 -5.51
CA ALA A 240 -6.95 7.41 -4.37
C ALA A 240 -7.86 6.20 -4.48
N MET A 241 -8.42 5.99 -5.68
CA MET A 241 -9.26 4.83 -5.93
C MET A 241 -8.50 3.52 -5.72
N ALA A 242 -7.32 3.44 -6.33
CA ALA A 242 -6.49 2.25 -6.28
C ALA A 242 -6.13 1.87 -4.85
N TYR A 243 -5.69 2.86 -4.07
CA TYR A 243 -5.32 2.60 -2.69
C TYR A 243 -6.54 2.35 -1.82
N PHE A 244 -7.69 2.89 -2.23
CA PHE A 244 -8.93 2.60 -1.52
C PHE A 244 -9.25 1.12 -1.66
N GLN A 245 -9.19 0.62 -2.88
CA GLN A 245 -9.47 -0.80 -3.14
C GLN A 245 -8.41 -1.67 -2.47
N ILE A 246 -7.15 -1.24 -2.52
CA ILE A 246 -6.06 -1.97 -1.90
C ILE A 246 -6.25 -2.11 -0.40
N PHE A 247 -6.48 -0.98 0.27
CA PHE A 247 -6.66 -0.99 1.72
C PHE A 247 -7.92 -1.75 2.10
N ARG A 248 -8.94 -1.69 1.25
CA ARG A 248 -10.15 -2.45 1.47
C ARG A 248 -9.86 -3.95 1.39
N LYS A 249 -8.93 -4.33 0.53
CA LYS A 249 -8.55 -5.73 0.37
C LYS A 249 -7.60 -6.19 1.49
N LEU A 250 -6.89 -5.24 2.08
CA LEU A 250 -5.90 -5.56 3.12
C LEU A 250 -6.43 -5.38 4.53
N TRP A 251 -7.59 -4.74 4.65
CA TRP A 251 -8.14 -4.40 5.97
C TRP A 251 -8.43 -5.62 6.81
N GLY A 252 -8.01 -5.58 8.07
CA GLY A 252 -8.30 -6.64 9.01
C GLY A 252 -7.44 -7.87 8.81
N ARG A 253 -6.38 -7.73 8.02
CA ARG A 253 -5.50 -8.85 7.72
C ARG A 253 -4.09 -8.57 8.23
N GLN A 254 -3.94 -8.64 9.55
CA GLN A 254 -2.67 -8.33 10.18
C GLN A 254 -1.87 -9.60 10.50
N GLY A 255 -2.46 -10.75 10.19
CA GLY A 255 -1.83 -12.02 10.48
C GLY A 255 -2.15 -12.49 11.88
N ILE A 256 -1.46 -13.53 12.33
CA ILE A 256 -1.67 -14.05 13.68
C ILE A 256 -0.37 -14.03 14.47
N ASP A 257 -0.50 -14.14 15.79
CA ASP A 257 0.66 -14.19 16.66
C ASP A 257 1.34 -15.55 16.56
N CYS A 258 2.34 -15.63 15.69
CA CYS A 258 3.07 -16.88 15.48
C CYS A 258 3.87 -17.29 16.71
N SER A 259 4.12 -16.35 17.61
CA SER A 259 4.87 -16.64 18.81
C SER A 259 4.00 -17.35 19.85
N PHE A 260 2.69 -17.12 19.77
CA PHE A 260 1.74 -17.82 20.61
C PHE A 260 1.32 -19.13 19.97
N TRP A 261 0.85 -19.04 18.73
CA TRP A 261 0.38 -20.21 18.00
C TRP A 261 1.52 -21.03 17.42
N ASN A 262 2.19 -21.79 18.28
CA ASN A 262 3.15 -22.78 17.80
C ASN A 262 3.20 -24.00 18.71
N GLU A 263 3.71 -25.10 18.17
CA GLU A 263 3.68 -26.39 18.85
C GLU A 263 4.68 -26.46 20.01
N SER A 264 5.54 -25.45 20.10
CA SER A 264 6.59 -25.42 21.12
C SER A 264 6.02 -25.47 22.54
N TYR A 265 4.83 -24.93 22.72
CA TYR A 265 4.24 -24.86 24.06
C TYR A 265 3.42 -26.11 24.39
N LEU A 266 3.45 -27.07 23.47
CA LEU A 266 2.81 -28.36 23.71
C LEU A 266 3.85 -29.38 24.16
N THR A 267 3.45 -30.27 25.05
CA THR A 267 4.35 -31.30 25.56
C THR A 267 4.05 -32.66 24.92
N GLY A 268 5.01 -33.57 25.01
CA GLY A 268 4.84 -34.92 24.51
C GLY A 268 4.73 -35.00 22.99
N SER A 269 4.37 -36.18 22.50
CA SER A 269 4.18 -36.41 21.08
C SER A 269 2.75 -36.08 20.68
N ARG A 270 2.52 -35.84 19.39
CA ARG A 270 1.20 -35.44 18.92
C ARG A 270 0.16 -36.54 19.12
N ASP A 271 0.50 -37.77 18.73
CA ASP A 271 -0.44 -38.89 18.83
C ASP A 271 -0.82 -39.17 20.28
N GLU A 272 0.08 -38.87 21.20
CA GLU A 272 -0.20 -39.09 22.62
C GLU A 272 -1.06 -37.95 23.18
N ARG A 273 -0.92 -36.77 22.59
CA ARG A 273 -1.80 -35.65 22.94
C ARG A 273 -3.20 -35.94 22.41
N LYS A 274 -3.27 -36.61 21.27
CA LYS A 274 -4.55 -36.99 20.69
C LYS A 274 -5.19 -38.08 21.54
N LYS A 275 -4.39 -39.06 21.95
CA LYS A 275 -4.87 -40.15 22.80
C LYS A 275 -5.40 -39.59 24.12
N SER A 276 -4.63 -38.69 24.72
CA SER A 276 -5.02 -38.05 25.97
C SER A 276 -6.31 -37.25 25.80
N LEU A 277 -6.39 -36.49 24.72
CA LEU A 277 -7.56 -35.67 24.42
C LEU A 277 -8.81 -36.53 24.29
N LEU A 278 -8.72 -37.54 23.44
CA LEU A 278 -9.86 -38.44 23.18
C LEU A 278 -10.30 -39.18 24.44
N SER A 279 -9.33 -39.69 25.21
CA SER A 279 -9.67 -40.41 26.42
C SER A 279 -10.26 -39.47 27.47
N LYS A 280 -9.89 -38.19 27.40
CA LYS A 280 -10.41 -37.20 28.32
C LYS A 280 -11.89 -36.92 28.05
N PHE A 281 -12.29 -37.10 26.80
CA PHE A 281 -13.69 -36.90 26.41
C PHE A 281 -14.47 -38.22 26.45
N GLY A 282 -13.80 -39.29 26.88
CA GLY A 282 -14.44 -40.58 27.01
C GLY A 282 -14.45 -41.38 25.72
N MET A 283 -13.63 -40.96 24.76
CA MET A 283 -13.54 -41.67 23.48
C MET A 283 -12.21 -42.40 23.36
N ASP A 284 -12.15 -43.35 22.42
CA ASP A 284 -10.93 -44.10 22.16
C ASP A 284 -10.20 -43.51 20.95
N GLU A 285 -9.00 -44.00 20.69
CA GLU A 285 -8.20 -43.53 19.57
C GLU A 285 -8.95 -43.64 18.25
N GLY A 286 -8.75 -42.65 17.39
CA GLY A 286 -9.42 -42.60 16.10
C GLY A 286 -9.06 -41.29 15.42
N VAL A 287 -9.32 -41.21 14.12
CA VAL A 287 -8.99 -40.01 13.36
C VAL A 287 -9.86 -38.85 13.78
N THR A 288 -9.25 -37.89 14.48
CA THR A 288 -10.00 -36.82 15.14
C THR A 288 -10.18 -35.59 14.25
N PHE A 289 -11.44 -35.22 14.06
CA PHE A 289 -11.82 -34.01 13.34
C PHE A 289 -12.39 -33.03 14.35
N MET A 290 -12.20 -31.73 14.12
CA MET A 290 -12.67 -30.75 15.08
C MET A 290 -13.20 -29.48 14.43
N PHE A 291 -14.38 -29.06 14.87
CA PHE A 291 -14.94 -27.79 14.45
C PHE A 291 -14.83 -26.79 15.59
N ILE A 292 -14.51 -25.55 15.26
CA ILE A 292 -14.56 -24.47 16.26
C ILE A 292 -15.17 -23.25 15.62
N GLY A 293 -16.29 -22.79 16.17
CA GLY A 293 -16.89 -21.57 15.65
C GLY A 293 -18.28 -21.29 16.17
N ARG A 294 -18.82 -20.14 15.77
CA ARG A 294 -20.18 -19.77 16.14
C ARG A 294 -21.17 -20.72 15.48
N PHE A 295 -22.17 -21.14 16.25
CA PHE A 295 -23.20 -22.00 15.69
C PHE A 295 -24.20 -21.14 14.92
N ASP A 296 -23.90 -20.90 13.65
CA ASP A 296 -24.68 -20.01 12.81
C ASP A 296 -25.38 -20.74 11.66
N ARG A 297 -26.50 -20.18 11.22
CA ARG A 297 -27.18 -20.66 10.03
C ARG A 297 -26.84 -19.77 8.84
N GLY A 298 -25.75 -20.09 8.15
CA GLY A 298 -25.38 -19.36 6.95
C GLY A 298 -24.13 -18.51 7.11
N GLN A 299 -23.23 -18.93 8.00
CA GLN A 299 -21.96 -18.24 8.17
C GLN A 299 -20.81 -19.22 8.41
N LYS A 300 -20.74 -19.77 9.61
CA LYS A 300 -19.67 -20.70 9.97
C LYS A 300 -19.97 -22.11 9.49
N GLY A 301 -21.21 -22.34 9.07
CA GLY A 301 -21.60 -23.59 8.46
C GLY A 301 -21.54 -24.82 9.33
N VAL A 302 -21.78 -24.65 10.62
CA VAL A 302 -21.80 -25.79 11.54
C VAL A 302 -22.95 -26.73 11.15
N ASP A 303 -23.99 -26.17 10.55
CA ASP A 303 -25.12 -26.97 10.08
C ASP A 303 -24.69 -27.90 8.96
N VAL A 304 -23.80 -27.43 8.10
CA VAL A 304 -23.24 -28.26 7.04
C VAL A 304 -22.47 -29.43 7.65
N LEU A 305 -21.73 -29.15 8.71
CA LEU A 305 -20.97 -30.18 9.41
C LEU A 305 -21.87 -31.23 10.02
N LEU A 306 -22.86 -30.78 10.79
CA LEU A 306 -23.81 -31.69 11.43
C LEU A 306 -24.53 -32.55 10.40
N LYS A 307 -24.99 -31.92 9.33
CA LYS A 307 -25.63 -32.63 8.23
C LYS A 307 -24.70 -33.69 7.65
N ALA A 308 -23.42 -33.33 7.52
CA ALA A 308 -22.42 -34.23 6.97
C ALA A 308 -22.18 -35.43 7.89
N ILE A 309 -22.25 -35.19 9.20
CA ILE A 309 -22.12 -36.26 10.17
C ILE A 309 -23.31 -37.19 10.07
N GLU A 310 -24.50 -36.61 9.89
CA GLU A 310 -25.70 -37.40 9.65
C GLU A 310 -25.54 -38.26 8.39
N ILE A 311 -24.89 -37.71 7.38
CA ILE A 311 -24.61 -38.46 6.15
C ILE A 311 -23.63 -39.61 6.45
N LEU A 312 -22.68 -39.34 7.34
CA LEU A 312 -21.67 -40.33 7.68
C LEU A 312 -22.13 -41.31 8.76
N SER A 313 -23.37 -41.16 9.22
CA SER A 313 -23.90 -42.01 10.29
C SER A 313 -23.85 -43.49 9.92
N SER A 314 -24.02 -43.78 8.64
CA SER A 314 -23.86 -45.14 8.14
C SER A 314 -22.38 -45.37 7.77
N LYS A 315 -22.15 -46.19 6.75
CA LYS A 315 -20.81 -46.49 6.26
C LYS A 315 -19.95 -47.23 7.30
N LYS A 316 -18.96 -47.98 6.82
CA LYS A 316 -18.06 -48.69 7.71
C LYS A 316 -17.07 -47.71 8.35
N GLU A 317 -16.73 -46.67 7.60
CA GLU A 317 -15.67 -45.76 7.97
C GLU A 317 -15.96 -44.89 9.19
N PHE A 318 -17.25 -44.69 9.50
CA PHE A 318 -17.65 -43.75 10.54
C PHE A 318 -17.08 -44.06 11.92
N GLN A 319 -16.91 -45.35 12.22
CA GLN A 319 -16.40 -45.75 13.53
C GLN A 319 -14.91 -45.47 13.65
N GLU A 320 -14.24 -45.26 12.52
CA GLU A 320 -12.83 -44.91 12.52
C GLU A 320 -12.64 -43.42 12.80
N MET A 321 -13.74 -42.69 12.86
CA MET A 321 -13.69 -41.24 13.00
C MET A 321 -14.09 -40.76 14.39
N ARG A 322 -13.46 -39.68 14.83
CA ARG A 322 -13.85 -38.98 16.05
C ARG A 322 -14.20 -37.54 15.68
N PHE A 323 -15.17 -36.97 16.37
CA PHE A 323 -15.60 -35.60 16.07
C PHE A 323 -15.71 -34.75 17.33
N ILE A 324 -15.09 -33.58 17.29
CA ILE A 324 -15.18 -32.64 18.41
C ILE A 324 -15.74 -31.31 17.92
N ILE A 325 -17.01 -31.08 18.22
CA ILE A 325 -17.71 -29.88 17.76
C ILE A 325 -17.77 -28.83 18.86
N ILE A 326 -16.98 -27.78 18.69
CA ILE A 326 -16.85 -26.72 19.69
C ILE A 326 -17.41 -25.39 19.21
N GLY A 327 -18.26 -24.79 20.04
CA GLY A 327 -18.83 -23.50 19.74
C GLY A 327 -20.10 -23.21 20.49
N LYS A 328 -20.71 -22.08 20.19
CA LYS A 328 -21.94 -21.66 20.85
C LYS A 328 -22.67 -20.62 20.01
N GLY A 329 -23.93 -20.90 19.71
CA GLY A 329 -24.74 -19.99 18.91
C GLY A 329 -26.22 -20.26 19.03
N ASP A 330 -26.86 -20.56 17.90
CA ASP A 330 -28.29 -20.85 17.88
C ASP A 330 -28.61 -22.10 18.69
N PRO A 331 -29.64 -22.01 19.55
CA PRO A 331 -30.08 -23.12 20.40
C PRO A 331 -30.47 -24.36 19.59
N GLU A 332 -31.07 -24.14 18.42
CA GLU A 332 -31.48 -25.24 17.56
C GLU A 332 -30.27 -26.07 17.12
N LEU A 333 -29.20 -25.38 16.76
CA LEU A 333 -27.98 -26.05 16.32
C LEU A 333 -27.28 -26.74 17.48
N GLU A 334 -27.37 -26.14 18.67
CA GLU A 334 -26.78 -26.73 19.86
C GLU A 334 -27.49 -28.02 20.22
N GLY A 335 -28.82 -28.02 20.13
CA GLY A 335 -29.59 -29.22 20.35
C GLY A 335 -29.27 -30.27 19.30
N TRP A 336 -29.19 -29.82 18.05
CA TRP A 336 -28.86 -30.68 16.93
C TRP A 336 -27.49 -31.36 17.14
N ALA A 337 -26.60 -30.64 17.82
CA ALA A 337 -25.28 -31.17 18.13
C ALA A 337 -25.33 -32.17 19.28
N ARG A 338 -26.02 -31.77 20.35
CA ARG A 338 -26.13 -32.59 21.56
C ARG A 338 -26.80 -33.93 21.26
N SER A 339 -27.74 -33.94 20.33
CA SER A 339 -28.42 -35.16 19.93
C SER A 339 -27.42 -36.14 19.32
N LEU A 340 -26.48 -35.62 18.56
CA LEU A 340 -25.41 -36.43 17.99
C LEU A 340 -24.41 -36.82 19.07
N GLU A 341 -24.29 -35.98 20.09
CA GLU A 341 -23.39 -36.26 21.20
C GLU A 341 -23.95 -37.36 22.10
N GLU A 342 -25.25 -37.59 22.01
CA GLU A 342 -25.88 -38.67 22.78
C GLU A 342 -26.28 -39.84 21.89
N LYS A 343 -26.09 -39.70 20.57
CA LYS A 343 -26.40 -40.78 19.64
C LYS A 343 -25.15 -41.56 19.24
N HIS A 344 -24.16 -40.86 18.69
CA HIS A 344 -22.91 -41.49 18.25
C HIS A 344 -21.82 -41.36 19.32
N GLY A 345 -21.21 -42.48 19.68
CA GLY A 345 -20.24 -42.49 20.76
C GLY A 345 -18.93 -41.81 20.44
N ASN A 346 -18.77 -41.39 19.19
CA ASN A 346 -17.54 -40.75 18.75
C ASN A 346 -17.70 -39.27 18.44
N VAL A 347 -18.73 -38.66 19.04
CA VAL A 347 -18.97 -37.23 18.85
C VAL A 347 -19.13 -36.51 20.19
N LYS A 348 -18.25 -35.53 20.42
CA LYS A 348 -18.27 -34.73 21.63
C LYS A 348 -18.58 -33.27 21.30
N VAL A 349 -19.48 -32.66 22.05
CA VAL A 349 -19.86 -31.27 21.80
C VAL A 349 -19.48 -30.37 22.98
N ILE A 350 -18.81 -29.27 22.67
CA ILE A 350 -18.34 -28.34 23.69
C ILE A 350 -18.95 -26.95 23.51
N THR A 351 -19.88 -26.60 24.41
CA THR A 351 -20.42 -25.25 24.46
C THR A 351 -19.76 -24.49 25.61
N GLU A 352 -18.72 -25.08 26.16
CA GLU A 352 -17.96 -24.50 27.26
C GLU A 352 -16.99 -23.44 26.74
N MET A 353 -16.79 -22.39 27.54
CA MET A 353 -15.85 -21.33 27.19
C MET A 353 -14.42 -21.79 27.45
N LEU A 354 -13.60 -21.78 26.40
CA LEU A 354 -12.23 -22.27 26.51
C LEU A 354 -11.21 -21.14 26.49
N SER A 355 -9.98 -21.46 26.88
CA SER A 355 -8.89 -20.50 26.81
C SER A 355 -8.11 -20.69 25.51
N ARG A 356 -7.41 -19.64 25.08
CA ARG A 356 -6.61 -19.70 23.87
C ARG A 356 -5.53 -20.77 23.97
N GLU A 357 -4.99 -20.95 25.17
CA GLU A 357 -3.98 -21.97 25.41
C GLU A 357 -4.57 -23.36 25.15
N PHE A 358 -5.81 -23.56 25.60
CA PHE A 358 -6.46 -24.85 25.43
C PHE A 358 -6.89 -25.07 23.97
N VAL A 359 -7.29 -24.00 23.29
CA VAL A 359 -7.62 -24.08 21.87
C VAL A 359 -6.38 -24.48 21.09
N ARG A 360 -5.26 -23.86 21.46
CA ARG A 360 -3.96 -24.18 20.88
C ARG A 360 -3.65 -25.65 21.09
N GLU A 361 -3.85 -26.10 22.32
CA GLU A 361 -3.63 -27.50 22.66
C GLU A 361 -4.50 -28.43 21.81
N LEU A 362 -5.71 -27.97 21.50
CA LEU A 362 -6.61 -28.73 20.64
C LEU A 362 -6.05 -28.82 19.22
N TYR A 363 -5.67 -27.68 18.65
CA TYR A 363 -5.14 -27.64 17.29
C TYR A 363 -3.89 -28.50 17.15
N GLY A 364 -3.17 -28.68 18.25
CA GLY A 364 -1.97 -29.49 18.25
C GLY A 364 -2.22 -30.92 18.71
N SER A 365 -3.48 -31.32 18.74
CA SER A 365 -3.83 -32.67 19.15
C SER A 365 -4.65 -33.36 18.08
N VAL A 366 -5.72 -32.71 17.63
CA VAL A 366 -6.59 -33.26 16.60
C VAL A 366 -5.83 -33.53 15.31
N ASP A 367 -6.41 -34.36 14.44
CA ASP A 367 -5.81 -34.64 13.14
C ASP A 367 -6.23 -33.60 12.12
N PHE A 368 -7.53 -33.38 12.03
CA PHE A 368 -8.08 -32.43 11.07
C PHE A 368 -8.99 -31.42 11.74
N VAL A 369 -9.06 -30.23 11.16
CA VAL A 369 -9.97 -29.20 11.64
C VAL A 369 -10.87 -28.75 10.49
N ILE A 370 -12.17 -28.84 10.71
CA ILE A 370 -13.14 -28.55 9.67
C ILE A 370 -13.68 -27.13 9.77
N ILE A 371 -13.54 -26.40 8.68
CA ILE A 371 -14.00 -25.02 8.58
C ILE A 371 -15.02 -24.92 7.45
N PRO A 372 -16.27 -25.29 7.74
CA PRO A 372 -17.36 -25.34 6.76
C PRO A 372 -18.02 -24.00 6.52
N SER A 373 -17.23 -22.93 6.54
CA SER A 373 -17.75 -21.56 6.43
C SER A 373 -18.52 -21.30 5.15
N TYR A 374 -19.24 -20.18 5.10
CA TYR A 374 -20.04 -19.82 3.94
C TYR A 374 -19.43 -18.68 3.13
N PHE A 375 -18.64 -17.82 3.78
CA PHE A 375 -18.03 -16.68 3.09
C PHE A 375 -16.74 -16.17 3.74
N GLU A 376 -16.20 -16.98 4.66
CA GLU A 376 -15.00 -16.67 5.46
C GLU A 376 -13.98 -15.75 4.80
N PRO A 377 -13.91 -14.49 5.27
CA PRO A 377 -13.05 -13.49 4.63
C PRO A 377 -11.61 -13.47 5.15
N PHE A 378 -11.37 -14.00 6.35
CA PHE A 378 -10.04 -13.94 6.94
C PHE A 378 -9.43 -15.33 7.12
N GLY A 379 -10.21 -16.24 7.70
CA GLY A 379 -9.75 -17.62 7.89
C GLY A 379 -8.62 -17.74 8.89
N LEU A 380 -8.71 -16.98 9.98
CA LEU A 380 -7.68 -17.03 11.01
C LEU A 380 -7.64 -18.38 11.72
N VAL A 381 -8.76 -19.09 11.74
CA VAL A 381 -8.79 -20.42 12.32
C VAL A 381 -7.93 -21.37 11.49
N ALA A 382 -7.98 -21.21 10.16
CA ALA A 382 -7.15 -22.02 9.28
C ALA A 382 -5.67 -21.79 9.59
N LEU A 383 -5.26 -20.53 9.71
CA LEU A 383 -3.87 -20.20 10.01
C LEU A 383 -3.43 -20.73 11.37
N GLU A 384 -4.22 -20.41 12.40
CA GLU A 384 -3.91 -20.78 13.77
C GLU A 384 -3.82 -22.30 13.93
N ALA A 385 -4.75 -23.01 13.30
CA ALA A 385 -4.75 -24.47 13.33
C ALA A 385 -3.55 -25.03 12.58
N MET A 386 -3.32 -24.51 11.36
CA MET A 386 -2.22 -24.97 10.52
C MET A 386 -0.86 -24.81 11.20
N CYS A 387 -0.69 -23.72 11.94
CA CYS A 387 0.54 -23.48 12.67
C CYS A 387 0.80 -24.57 13.71
N LEU A 388 -0.25 -25.29 14.06
CA LEU A 388 -0.18 -26.34 15.07
C LEU A 388 -0.33 -27.73 14.46
N GLY A 389 -0.19 -27.81 13.15
CA GLY A 389 -0.19 -29.09 12.46
C GLY A 389 -1.57 -29.62 12.13
N ALA A 390 -2.61 -28.97 12.66
CA ALA A 390 -3.97 -29.37 12.33
C ALA A 390 -4.23 -29.15 10.84
N ILE A 391 -4.58 -30.21 10.13
CA ILE A 391 -4.83 -30.13 8.71
C ILE A 391 -6.25 -29.63 8.43
N PRO A 392 -6.37 -28.53 7.67
CA PRO A 392 -7.66 -27.90 7.39
C PRO A 392 -8.49 -28.61 6.32
N ILE A 393 -9.75 -28.85 6.66
CA ILE A 393 -10.76 -29.25 5.70
C ILE A 393 -11.78 -28.13 5.64
N ALA A 394 -11.67 -27.27 4.65
CA ALA A 394 -12.45 -26.04 4.66
C ALA A 394 -13.20 -25.77 3.37
N SER A 395 -14.27 -24.99 3.47
CA SER A 395 -15.02 -24.57 2.30
C SER A 395 -14.15 -23.65 1.45
N ALA A 396 -14.17 -23.87 0.14
CA ALA A 396 -13.41 -23.04 -0.77
C ALA A 396 -14.10 -21.69 -0.97
N VAL A 397 -14.07 -20.86 0.07
CA VAL A 397 -14.63 -19.51 0.01
C VAL A 397 -13.69 -18.49 0.65
N GLY A 398 -13.60 -17.32 0.02
CA GLY A 398 -12.85 -16.20 0.56
C GLY A 398 -11.42 -16.50 0.97
N GLY A 399 -11.04 -15.95 2.12
CA GLY A 399 -9.69 -16.08 2.64
C GLY A 399 -9.15 -17.49 2.64
N LEU A 400 -10.02 -18.45 2.97
CA LEU A 400 -9.64 -19.85 2.99
C LEU A 400 -8.97 -20.27 1.68
N ARG A 401 -9.58 -19.90 0.56
CA ARG A 401 -9.05 -20.25 -0.75
C ARG A 401 -7.62 -19.77 -0.91
N ASP A 402 -7.34 -18.60 -0.36
CA ASP A 402 -6.02 -18.01 -0.47
C ASP A 402 -5.02 -18.74 0.42
N ILE A 403 -5.50 -19.20 1.58
CA ILE A 403 -4.62 -19.82 2.55
C ILE A 403 -4.34 -21.27 2.22
N ILE A 404 -5.40 -22.04 2.04
CA ILE A 404 -5.28 -23.46 1.76
C ILE A 404 -5.03 -23.71 0.28
N THR A 405 -3.82 -24.16 -0.04
CA THR A 405 -3.45 -24.45 -1.41
C THR A 405 -3.37 -25.96 -1.63
N ASN A 406 -2.71 -26.36 -2.71
CA ASN A 406 -2.50 -27.77 -2.96
C ASN A 406 -1.41 -28.31 -2.05
N GLU A 407 -1.53 -29.57 -1.64
CA GLU A 407 -0.58 -30.23 -0.76
C GLU A 407 -0.52 -29.57 0.62
N THR A 408 -1.64 -29.00 1.07
CA THR A 408 -1.68 -28.38 2.40
C THR A 408 -3.09 -28.21 2.95
N GLY A 409 -4.03 -29.02 2.46
CA GLY A 409 -5.38 -28.98 2.97
C GLY A 409 -6.41 -29.52 1.99
N ILE A 410 -7.63 -29.67 2.45
CA ILE A 410 -8.71 -30.17 1.61
C ILE A 410 -9.78 -29.10 1.46
N LEU A 411 -10.13 -28.79 0.22
CA LEU A 411 -11.09 -27.73 -0.06
C LEU A 411 -12.41 -28.28 -0.60
N VAL A 412 -13.50 -27.69 -0.13
CA VAL A 412 -14.83 -28.22 -0.41
C VAL A 412 -15.76 -27.14 -0.98
N LYS A 413 -16.63 -27.53 -1.90
CA LYS A 413 -17.71 -26.66 -2.34
C LYS A 413 -18.56 -26.30 -1.12
N ALA A 414 -18.63 -25.00 -0.82
CA ALA A 414 -19.33 -24.52 0.37
C ALA A 414 -20.82 -24.83 0.30
N GLY A 415 -21.39 -25.16 1.46
CA GLY A 415 -22.82 -25.42 1.55
C GLY A 415 -23.20 -26.88 1.43
N ASP A 416 -22.54 -27.59 0.51
CA ASP A 416 -22.87 -28.99 0.25
C ASP A 416 -22.30 -29.91 1.34
N PRO A 417 -23.19 -30.52 2.13
CA PRO A 417 -22.78 -31.43 3.21
C PRO A 417 -22.19 -32.71 2.65
N GLY A 418 -22.62 -33.09 1.46
CA GLY A 418 -22.16 -34.31 0.82
C GLY A 418 -20.70 -34.26 0.43
N GLU A 419 -20.30 -33.19 -0.26
CA GLU A 419 -18.91 -33.04 -0.68
C GLU A 419 -18.01 -32.88 0.54
N LEU A 420 -18.56 -32.30 1.61
CA LEU A 420 -17.84 -32.19 2.87
C LEU A 420 -17.61 -33.59 3.46
N ALA A 421 -18.65 -34.41 3.45
CA ALA A 421 -18.56 -35.77 3.94
C ALA A 421 -17.53 -36.57 3.14
N ASN A 422 -17.53 -36.38 1.84
CA ASN A 422 -16.54 -37.03 0.97
C ASN A 422 -15.14 -36.55 1.29
N ALA A 423 -15.01 -35.27 1.59
CA ALA A 423 -13.72 -34.69 1.99
C ALA A 423 -13.23 -35.33 3.29
N ILE A 424 -14.17 -35.59 4.20
CA ILE A 424 -13.85 -36.24 5.46
C ILE A 424 -13.41 -37.68 5.22
N LEU A 425 -14.08 -38.35 4.29
CA LEU A 425 -13.71 -39.71 3.91
C LEU A 425 -12.30 -39.75 3.34
N LYS A 426 -11.98 -38.80 2.48
CA LYS A 426 -10.63 -38.72 1.93
C LYS A 426 -9.61 -38.45 3.03
N ALA A 427 -9.99 -37.60 3.98
CA ALA A 427 -9.15 -37.33 5.13
C ALA A 427 -8.84 -38.61 5.88
N LEU A 428 -9.85 -39.46 6.01
CA LEU A 428 -9.67 -40.76 6.66
C LEU A 428 -8.73 -41.64 5.85
N GLU A 429 -8.89 -41.62 4.53
CA GLU A 429 -8.03 -42.43 3.66
C GLU A 429 -6.59 -41.94 3.64
N LEU A 430 -6.39 -40.68 4.02
CA LEU A 430 -5.05 -40.11 4.10
C LEU A 430 -4.43 -40.38 5.46
N SER A 431 -5.29 -40.62 6.46
CA SER A 431 -4.84 -40.84 7.82
C SER A 431 -4.20 -42.21 8.01
N ARG A 432 -4.31 -43.06 6.99
CA ARG A 432 -3.67 -44.37 7.02
C ARG A 432 -2.23 -44.26 6.53
N SER A 433 -1.67 -43.06 6.64
CA SER A 433 -0.29 -42.79 6.28
C SER A 433 0.31 -41.81 7.29
N ASP A 434 1.57 -41.46 7.11
CA ASP A 434 2.32 -40.70 8.12
C ASP A 434 1.73 -39.31 8.41
N LEU A 435 1.29 -38.63 7.36
CA LEU A 435 0.68 -37.29 7.48
C LEU A 435 1.58 -36.18 8.03
N SER A 436 2.77 -36.55 8.51
CA SER A 436 3.64 -35.57 9.16
C SER A 436 4.11 -34.46 8.22
N LYS A 437 4.51 -34.85 7.01
CA LYS A 437 4.96 -33.88 6.02
C LYS A 437 3.83 -32.95 5.60
N PHE A 438 2.61 -33.47 5.62
CA PHE A 438 1.43 -32.69 5.31
C PHE A 438 1.28 -31.58 6.35
N ARG A 439 1.43 -31.97 7.61
CA ARG A 439 1.31 -31.03 8.72
C ARG A 439 2.42 -29.96 8.65
N GLU A 440 3.64 -30.39 8.35
CA GLU A 440 4.76 -29.46 8.25
C GLU A 440 4.52 -28.48 7.10
N ASN A 441 3.90 -28.98 6.02
CA ASN A 441 3.50 -28.13 4.91
C ASN A 441 2.46 -27.11 5.33
N CYS A 442 1.53 -27.54 6.20
CA CYS A 442 0.52 -26.64 6.73
C CYS A 442 1.18 -25.52 7.54
N LYS A 443 2.12 -25.88 8.42
CA LYS A 443 2.86 -24.91 9.21
C LYS A 443 3.56 -23.88 8.32
N LYS A 444 4.36 -24.38 7.38
CA LYS A 444 5.10 -23.50 6.48
C LYS A 444 4.18 -22.56 5.72
N ARG A 445 3.10 -23.11 5.17
CA ARG A 445 2.14 -22.33 4.40
C ARG A 445 1.52 -21.21 5.25
N ALA A 446 1.08 -21.57 6.46
CA ALA A 446 0.46 -20.60 7.36
C ALA A 446 1.43 -19.47 7.71
N MET A 447 2.65 -19.83 8.08
CA MET A 447 3.65 -18.84 8.47
C MET A 447 3.99 -17.90 7.31
N SER A 448 4.27 -18.48 6.14
CA SER A 448 4.62 -17.67 4.98
C SER A 448 3.48 -16.75 4.56
N PHE A 449 2.26 -17.25 4.65
CA PHE A 449 1.07 -16.46 4.33
C PHE A 449 0.96 -15.27 5.27
N SER A 450 1.04 -15.54 6.57
CA SER A 450 0.96 -14.49 7.58
C SER A 450 2.02 -13.41 7.37
N LYS A 451 3.26 -13.85 7.19
CA LYS A 451 4.38 -12.93 6.95
C LYS A 451 4.15 -12.10 5.69
N GLN A 452 3.60 -12.73 4.66
CA GLN A 452 3.35 -12.06 3.39
C GLN A 452 2.30 -10.96 3.56
N MET A 453 1.23 -11.25 4.30
CA MET A 453 0.19 -10.26 4.48
C MET A 453 0.68 -9.11 5.36
N ARG A 454 1.58 -9.42 6.31
CA ARG A 454 2.16 -8.38 7.14
C ARG A 454 3.04 -7.45 6.31
N ALA A 455 3.93 -8.04 5.52
CA ALA A 455 4.79 -7.28 4.62
C ALA A 455 3.98 -6.43 3.66
N ARG A 456 2.89 -7.02 3.17
CA ARG A 456 1.97 -6.35 2.27
C ARG A 456 1.41 -5.09 2.92
N ARG A 457 0.89 -5.28 4.13
CA ARG A 457 0.36 -4.18 4.92
C ARG A 457 1.37 -3.05 5.06
N LYS A 458 2.58 -3.37 5.51
CA LYS A 458 3.62 -2.37 5.69
C LYS A 458 3.91 -1.59 4.40
N THR A 459 4.09 -2.32 3.30
CA THR A 459 4.36 -1.71 2.01
C THR A 459 3.27 -0.72 1.60
N ALA A 460 2.02 -1.18 1.62
CA ALA A 460 0.89 -0.35 1.24
C ALA A 460 0.81 0.90 2.12
N LYS A 461 1.07 0.73 3.42
CA LYS A 461 1.08 1.86 4.34
C LYS A 461 2.10 2.91 3.92
N MET A 462 3.32 2.45 3.65
CA MET A 462 4.38 3.38 3.23
C MET A 462 4.00 4.14 1.96
N LEU A 463 3.62 3.40 0.92
CA LEU A 463 3.26 4.03 -0.35
C LEU A 463 2.10 5.01 -0.20
N MET A 464 1.16 4.66 0.68
CA MET A 464 0.05 5.56 0.99
C MET A 464 0.55 6.86 1.59
N VAL A 465 1.44 6.76 2.58
CA VAL A 465 1.98 7.95 3.22
C VAL A 465 2.74 8.81 2.21
N VAL A 466 3.53 8.17 1.36
CA VAL A 466 4.26 8.89 0.31
C VAL A 466 3.32 9.67 -0.59
N LEU A 467 2.27 9.00 -1.06
CA LEU A 467 1.27 9.64 -1.92
C LEU A 467 0.61 10.83 -1.21
N LEU A 468 0.30 10.64 0.07
CA LEU A 468 -0.36 11.66 0.86
C LEU A 468 0.51 12.90 1.03
N VAL A 469 1.76 12.69 1.46
CA VAL A 469 2.72 13.76 1.61
C VAL A 469 2.93 14.49 0.29
N PHE A 470 2.92 13.73 -0.80
CA PHE A 470 3.00 14.31 -2.14
C PHE A 470 1.84 15.29 -2.39
N ALA A 471 0.62 14.78 -2.20
CA ALA A 471 -0.58 15.56 -2.42
C ALA A 471 -0.59 16.85 -1.60
N LEU A 472 -0.29 16.73 -0.32
CA LEU A 472 -0.26 17.89 0.56
C LEU A 472 0.84 18.87 0.16
N CYS A 473 1.97 18.35 -0.32
CA CYS A 473 3.07 19.20 -0.74
C CYS A 473 2.73 20.02 -1.98
N TYR A 474 2.10 19.39 -2.97
CA TYR A 474 1.80 20.10 -4.21
C TYR A 474 0.44 20.81 -4.19
N LEU A 475 -0.31 20.66 -3.11
CA LEU A 475 -1.61 21.31 -3.00
C LEU A 475 -1.57 22.85 -3.08
N PRO A 476 -0.74 23.51 -2.23
CA PRO A 476 -0.80 24.99 -2.25
C PRO A 476 -0.37 25.60 -3.58
N ILE A 477 0.70 25.07 -4.18
CA ILE A 477 1.18 25.62 -5.44
C ILE A 477 0.15 25.43 -6.54
N SER A 478 -0.65 24.38 -6.43
CA SER A 478 -1.66 24.08 -7.44
C SER A 478 -2.88 24.97 -7.26
N VAL A 479 -3.28 25.20 -6.01
CA VAL A 479 -4.44 26.05 -5.77
C VAL A 479 -4.07 27.49 -6.18
N LEU A 480 -2.82 27.88 -5.93
CA LEU A 480 -2.37 29.21 -6.30
C LEU A 480 -2.25 29.35 -7.82
N ASN A 481 -1.64 28.37 -8.48
CA ASN A 481 -1.48 28.41 -9.93
C ASN A 481 -2.82 28.42 -10.64
N ILE A 482 -3.77 27.64 -10.12
CA ILE A 482 -5.09 27.56 -10.74
C ILE A 482 -5.87 28.84 -10.45
N LEU A 483 -5.53 29.54 -9.36
CA LEU A 483 -6.19 30.82 -9.07
C LEU A 483 -5.49 32.01 -9.73
N LYS A 484 -4.30 31.79 -10.29
CA LYS A 484 -3.53 32.85 -10.91
C LYS A 484 -3.61 32.80 -12.43
N ARG A 485 -3.73 31.60 -12.98
CA ARG A 485 -3.60 31.40 -14.43
C ARG A 485 -4.91 31.11 -15.16
N VAL A 486 -5.97 30.76 -14.43
CA VAL A 486 -7.25 30.46 -15.06
C VAL A 486 -8.34 31.39 -14.53
N PHE A 487 -8.66 31.26 -13.25
CA PHE A 487 -9.69 32.08 -12.61
C PHE A 487 -9.11 33.38 -12.05
N GLY A 488 -8.90 34.37 -12.91
CA GLY A 488 -8.36 35.64 -12.49
C GLY A 488 -6.92 35.55 -12.04
N MET A 489 -6.49 36.52 -11.23
CA MET A 489 -5.10 36.58 -10.81
C MET A 489 -4.92 37.44 -9.54
N PHE A 490 -3.68 37.48 -9.05
CA PHE A 490 -3.30 38.39 -7.97
C PHE A 490 -2.38 39.49 -8.52
N ARG A 491 -2.96 40.47 -9.22
CA ARG A 491 -2.20 41.47 -9.95
C ARG A 491 -2.52 42.90 -9.52
N GLN A 492 -3.61 43.08 -8.78
CA GLN A 492 -4.15 44.42 -8.51
C GLN A 492 -3.62 45.06 -7.22
N ALA A 493 -3.01 46.24 -7.38
CA ALA A 493 -2.58 47.09 -6.27
C ALA A 493 -1.76 46.37 -5.22
N SER A 494 -1.94 46.78 -3.96
CA SER A 494 -1.19 46.22 -2.84
C SER A 494 -1.79 44.89 -2.37
N ASP A 495 -2.13 44.04 -3.32
CA ASP A 495 -2.60 42.69 -3.01
C ASP A 495 -1.51 41.70 -3.43
N ARG A 496 -0.27 42.17 -3.38
CA ARG A 496 0.84 41.42 -3.94
C ARG A 496 1.87 40.99 -2.88
N GLU A 497 1.97 41.76 -1.80
CA GLU A 497 3.00 41.54 -0.79
C GLU A 497 2.88 40.21 -0.05
N ALA A 498 1.66 39.83 0.33
CA ALA A 498 1.45 38.56 1.02
C ALA A 498 1.37 37.42 0.02
N VAL A 499 0.97 37.74 -1.20
CA VAL A 499 0.85 36.76 -2.27
C VAL A 499 2.21 36.19 -2.65
N TYR A 500 3.22 37.05 -2.73
CA TYR A 500 4.59 36.60 -2.95
C TYR A 500 5.00 35.61 -1.86
N ALA A 501 4.63 35.91 -0.61
CA ALA A 501 4.98 35.05 0.51
C ALA A 501 4.32 33.67 0.37
N CYS A 502 3.05 33.68 -0.04
CA CYS A 502 2.34 32.43 -0.31
C CYS A 502 3.05 31.61 -1.39
N PHE A 503 3.47 32.29 -2.45
CA PHE A 503 4.14 31.62 -3.56
C PHE A 503 5.51 31.06 -3.17
N THR A 504 6.27 31.84 -2.41
CA THR A 504 7.58 31.39 -1.93
C THR A 504 7.43 30.17 -1.03
N PHE A 505 6.44 30.23 -0.13
CA PHE A 505 6.20 29.09 0.74
C PHE A 505 5.80 27.85 -0.07
N SER A 506 4.87 28.03 -0.99
CA SER A 506 4.40 26.92 -1.82
C SER A 506 5.54 26.28 -2.60
N HIS A 507 6.39 27.11 -3.19
CA HIS A 507 7.58 26.64 -3.89
C HIS A 507 8.44 25.81 -2.96
N TRP A 508 8.81 26.41 -1.82
CA TRP A 508 9.65 25.71 -0.85
C TRP A 508 9.08 24.35 -0.48
N LEU A 509 7.75 24.29 -0.30
CA LEU A 509 7.08 23.07 0.05
C LEU A 509 7.25 22.02 -1.04
N VAL A 510 7.01 22.45 -2.28
CA VAL A 510 7.20 21.60 -3.45
C VAL A 510 8.58 20.96 -3.43
N TYR A 511 9.60 21.77 -3.14
CA TYR A 511 10.95 21.23 -3.07
C TYR A 511 11.18 20.37 -1.82
N ALA A 512 10.39 20.64 -0.79
CA ALA A 512 10.54 19.95 0.49
C ALA A 512 10.04 18.51 0.37
N ASN A 513 9.13 18.29 -0.57
CA ASN A 513 8.69 16.92 -0.86
C ASN A 513 9.86 16.00 -1.21
N SER A 514 10.77 16.53 -2.03
CA SER A 514 11.96 15.80 -2.49
C SER A 514 12.84 15.37 -1.31
N ALA A 515 12.84 16.16 -0.25
CA ALA A 515 13.56 15.81 0.96
C ALA A 515 12.72 14.87 1.82
N ALA A 516 11.40 14.97 1.67
CA ALA A 516 10.47 14.22 2.51
C ALA A 516 10.48 12.74 2.18
N ASN A 517 10.41 12.40 0.90
CA ASN A 517 10.32 10.99 0.50
C ASN A 517 11.41 10.06 1.08
N PRO A 518 12.70 10.45 1.00
CA PRO A 518 13.71 9.57 1.60
C PRO A 518 13.51 9.36 3.10
N ILE A 519 13.05 10.40 3.79
CA ILE A 519 12.77 10.31 5.22
C ILE A 519 11.63 9.33 5.48
N ILE A 520 10.58 9.44 4.67
CA ILE A 520 9.45 8.52 4.74
C ILE A 520 9.93 7.08 4.60
N TYR A 521 10.73 6.83 3.55
CA TYR A 521 11.32 5.51 3.33
C TYR A 521 12.11 5.05 4.54
N ASN A 522 12.84 5.99 5.14
CA ASN A 522 13.69 5.67 6.28
C ASN A 522 12.90 5.33 7.54
N PHE A 523 11.66 5.80 7.61
CA PHE A 523 10.85 5.49 8.78
C PHE A 523 9.91 4.31 8.57
N LEU A 524 9.56 4.02 7.32
CA LEU A 524 8.51 3.06 7.04
C LEU A 524 8.93 1.88 6.16
N SER A 525 10.23 1.73 5.92
CA SER A 525 10.73 0.58 5.15
C SER A 525 11.98 0.00 5.81
N GLY A 526 11.85 -1.22 6.32
CA GLY A 526 12.93 -1.88 7.04
C GLY A 526 14.23 -2.00 6.25
N LYS A 527 14.10 -2.40 5.00
CA LYS A 527 15.26 -2.61 4.13
C LYS A 527 15.99 -1.30 3.85
N PHE A 528 15.22 -0.24 3.61
CA PHE A 528 15.79 1.09 3.42
C PHE A 528 16.48 1.58 4.68
N ARG A 529 15.91 1.25 5.84
CA ARG A 529 16.55 1.58 7.11
C ARG A 529 17.92 0.92 7.20
N GLU A 530 17.93 -0.39 6.97
CA GLU A 530 19.17 -1.17 6.98
C GLU A 530 20.22 -0.56 6.06
N GLN A 531 19.82 -0.23 4.84
CA GLN A 531 20.76 0.30 3.86
C GLN A 531 21.23 1.72 4.20
N PHE A 532 20.37 2.51 4.83
CA PHE A 532 20.72 3.87 5.22
C PHE A 532 21.69 3.85 6.39
N LYS A 533 21.58 2.82 7.24
CA LYS A 533 22.54 2.63 8.32
C LYS A 533 23.88 2.16 7.77
N ALA A 534 23.83 1.13 6.93
CA ALA A 534 25.05 0.51 6.40
C ALA A 534 25.88 1.45 5.54
N ALA A 535 25.23 2.48 5.00
CA ALA A 535 25.90 3.44 4.13
C ALA A 535 26.89 4.32 4.90
N PHE A 536 26.91 4.17 6.23
CA PHE A 536 27.79 4.96 7.07
C PHE A 536 28.78 4.08 7.82
#